data_9GL7
#
_entry.id   9GL7
#
_cell.length_a   39.744
_cell.length_b   105.781
_cell.length_c   174.454
_cell.angle_alpha   90
_cell.angle_beta   90
_cell.angle_gamma   90
#
_symmetry.space_group_name_H-M   'C 2 2 21'
#
loop_
_entity.id
_entity.type
_entity.pdbx_description
1 polymer 'Epidermal growth factor receptor'
2 non-polymer 3-[(3-chloranyl-2-methoxy-phenyl)amino]-2-[3-[[(2S)-oxolan-2-yl]methoxy]pyridin-4-yl]-1,5,6,7-tetrahydropyrrolo[3,2-c]pyridin-4-one
3 water water
#
_entity_poly.entity_id   1
_entity_poly.type   'polypeptide(L)'
_entity_poly.pdbx_seq_one_letter_code
;MSGEAPNQALLRILKETEFKKIKVLGSGAFGTVYKGLWIPEGEKVKIPVAIKELREATSPKANKEILDEAYVMASVDNPG
NPHVCRLLGICLTSTVQLITQLMPFGCLLDYVREHKDNIGSQYLLNWCVQIAKGMNYLEDRRLVHRDLAARNVLVKTPQH
VKITDFGLAKLLGAEEKEYHAEGGKVPIKWMALESILHRIYTHQSDVWSYGVTVWELMTFGSKPYDGIPASEISSILEKG
ERLPQPPICTIDVYMIMRKCWMIDADSRPKFRELIIEFSKMARDPQRYLVIQGDERMHLPSPTDSNFYRALMDEEDMDDV
VDADEYLIPQQGHHHHHH
;
_entity_poly.pdbx_strand_id   A
#
loop_
_chem_comp.id
_chem_comp.type
_chem_comp.name
_chem_comp.formula
A1IMS non-polymer 3-[(3-chloranyl-2-methoxy-phenyl)amino]-2-[3-[[(2S)-oxolan-2-yl]methoxy]pyridin-4-yl]-1,5,6,7-tetrahydropyrrolo[3,2-c]pyridin-4-one 'C24 H25 Cl N4 O4'
#
# COMPACT_ATOMS: atom_id res chain seq x y z
N ALA A 9 6.06 -15.56 -16.01
CA ALA A 9 5.86 -15.66 -14.57
C ALA A 9 6.52 -16.93 -14.03
N LEU A 10 7.55 -16.79 -13.20
CA LEU A 10 8.32 -17.91 -12.63
C LEU A 10 8.27 -17.85 -11.12
N LEU A 11 7.79 -18.92 -10.47
CA LEU A 11 7.74 -19.01 -9.01
C LEU A 11 8.86 -19.89 -8.50
N ARG A 12 9.74 -19.33 -7.68
CA ARG A 12 10.81 -20.12 -7.06
C ARG A 12 10.20 -20.91 -5.90
N ILE A 13 10.63 -22.16 -5.70
CA ILE A 13 10.16 -22.95 -4.56
C ILE A 13 11.33 -23.00 -3.61
N LEU A 14 11.23 -22.27 -2.50
CA LEU A 14 12.31 -22.21 -1.53
C LEU A 14 12.06 -23.30 -0.51
N LYS A 15 13.02 -24.22 -0.34
CA LYS A 15 12.89 -25.36 0.56
C LYS A 15 12.56 -24.96 1.97
N GLU A 16 11.76 -25.79 2.66
CA GLU A 16 11.37 -25.57 4.04
C GLU A 16 12.59 -25.57 4.96
N THR A 17 13.50 -26.55 4.77
CA THR A 17 14.74 -26.69 5.55
C THR A 17 15.68 -25.47 5.44
N GLU A 18 15.48 -24.59 4.44
CA GLU A 18 16.32 -23.40 4.26
C GLU A 18 16.00 -22.24 5.21
N PHE A 19 14.78 -22.19 5.80
CA PHE A 19 14.37 -21.09 6.68
C PHE A 19 14.64 -21.37 8.17
N LYS A 20 15.06 -20.32 8.92
CA LYS A 20 15.36 -20.41 10.36
C LYS A 20 14.85 -19.18 11.13
N LYS A 21 14.74 -19.28 12.46
CA LYS A 21 14.25 -18.21 13.34
C LYS A 21 12.87 -17.66 12.91
N ILE A 22 11.94 -18.54 12.50
CA ILE A 22 10.61 -18.08 12.07
C ILE A 22 9.83 -17.73 13.33
N LYS A 23 9.37 -16.47 13.42
CA LYS A 23 8.63 -15.94 14.56
C LYS A 23 7.48 -15.06 14.05
N VAL A 24 6.29 -15.13 14.69
CA VAL A 24 5.10 -14.36 14.30
C VAL A 24 5.38 -12.85 14.35
N LEU A 25 4.81 -12.10 13.39
CA LEU A 25 4.90 -10.64 13.34
C LEU A 25 3.51 -10.04 13.62
N GLY A 26 2.47 -10.59 13.00
CA GLY A 26 1.11 -10.11 13.20
C GLY A 26 0.08 -10.93 12.44
N SER A 27 -1.20 -10.65 12.70
CA SER A 27 -2.34 -11.32 12.07
C SER A 27 -3.50 -10.35 11.84
N GLY A 28 -4.37 -10.69 10.89
CA GLY A 28 -5.52 -9.88 10.54
C GLY A 28 -6.20 -10.40 9.30
N ALA A 29 -6.88 -9.51 8.56
CA ALA A 29 -7.59 -9.89 7.34
C ALA A 29 -6.66 -10.45 6.23
N PHE A 30 -5.37 -10.05 6.27
CA PHE A 30 -4.33 -10.55 5.37
C PHE A 30 -3.88 -11.99 5.69
N GLY A 31 -4.24 -12.52 6.86
CA GLY A 31 -3.85 -13.86 7.31
C GLY A 31 -2.80 -13.72 8.39
N THR A 32 -1.73 -14.52 8.31
CA THR A 32 -0.63 -14.47 9.28
C THR A 32 0.68 -14.16 8.55
N VAL A 33 1.48 -13.23 9.10
CA VAL A 33 2.79 -12.85 8.58
C VAL A 33 3.83 -13.14 9.68
N TYR A 34 4.93 -13.82 9.30
CA TYR A 34 6.05 -14.15 10.18
C TYR A 34 7.34 -13.50 9.63
N LYS A 35 8.39 -13.50 10.43
CA LYS A 35 9.73 -13.03 10.02
C LYS A 35 10.70 -14.18 10.25
N GLY A 36 11.66 -14.32 9.36
CA GLY A 36 12.66 -15.38 9.46
C GLY A 36 13.89 -15.07 8.65
N LEU A 37 14.78 -16.04 8.56
CA LEU A 37 16.01 -15.89 7.80
C LEU A 37 16.05 -17.01 6.79
N TRP A 38 16.17 -16.65 5.51
CA TRP A 38 16.24 -17.63 4.45
C TRP A 38 17.71 -17.83 4.12
N ILE A 39 18.22 -19.06 4.33
CA ILE A 39 19.62 -19.41 4.04
C ILE A 39 19.56 -20.19 2.71
N PRO A 40 19.78 -19.56 1.53
CA PRO A 40 19.69 -20.33 0.27
C PRO A 40 20.72 -21.45 0.20
N GLU A 41 20.34 -22.59 -0.42
CA GLU A 41 21.18 -23.78 -0.56
C GLU A 41 22.47 -23.49 -1.34
N GLY A 42 23.58 -24.07 -0.90
CA GLY A 42 24.89 -23.94 -1.55
C GLY A 42 25.58 -22.61 -1.41
N GLU A 43 25.11 -21.74 -0.50
CA GLU A 43 25.70 -20.41 -0.30
C GLU A 43 25.36 -19.89 1.10
N LYS A 44 26.28 -19.11 1.70
CA LYS A 44 26.10 -18.57 3.05
C LYS A 44 25.71 -17.09 2.98
N VAL A 45 24.40 -16.81 3.04
CA VAL A 45 23.84 -15.45 3.01
C VAL A 45 22.50 -15.46 3.75
N LYS A 46 22.52 -15.16 5.06
CA LYS A 46 21.31 -15.21 5.88
C LYS A 46 20.43 -13.98 5.55
N ILE A 47 19.36 -14.19 4.75
CA ILE A 47 18.49 -13.11 4.28
C ILE A 47 17.26 -12.87 5.17
N PRO A 48 17.05 -11.66 5.77
CA PRO A 48 15.80 -11.44 6.52
C PRO A 48 14.60 -11.50 5.56
N VAL A 49 13.60 -12.35 5.86
CA VAL A 49 12.42 -12.55 5.01
C VAL A 49 11.12 -12.48 5.82
N ALA A 50 10.02 -12.15 5.13
CA ALA A 50 8.68 -12.14 5.68
C ALA A 50 7.92 -13.28 5.00
N ILE A 51 7.15 -14.06 5.78
CA ILE A 51 6.42 -15.24 5.32
C ILE A 51 4.92 -15.02 5.55
N LYS A 52 4.06 -15.17 4.53
CA LYS A 52 2.62 -14.97 4.72
C LYS A 52 1.83 -16.23 4.36
N GLU A 53 0.73 -16.48 5.09
CA GLU A 53 -0.18 -17.61 4.86
C GLU A 53 -1.60 -17.27 5.35
N LEU A 54 -2.61 -18.05 4.92
CA LEU A 54 -4.00 -17.83 5.32
C LEU A 54 -4.47 -18.91 6.31
N ALA A 62 -8.70 -22.29 0.76
CA ALA A 62 -8.20 -20.94 0.48
C ALA A 62 -6.75 -20.92 -0.04
N ASN A 63 -6.07 -22.08 -0.18
CA ASN A 63 -4.71 -22.10 -0.74
C ASN A 63 -4.68 -21.62 -2.22
N LYS A 64 -5.82 -21.62 -2.91
CA LYS A 64 -5.92 -21.13 -4.28
C LYS A 64 -5.81 -19.60 -4.27
N GLU A 65 -6.44 -18.92 -3.29
CA GLU A 65 -6.40 -17.46 -3.14
C GLU A 65 -4.96 -16.94 -2.94
N ILE A 66 -4.14 -17.63 -2.13
CA ILE A 66 -2.74 -17.24 -1.90
C ILE A 66 -1.88 -17.52 -3.16
N LEU A 67 -2.22 -18.56 -3.96
CA LEU A 67 -1.50 -18.88 -5.19
C LEU A 67 -1.82 -17.86 -6.29
N ASP A 68 -3.05 -17.32 -6.32
CA ASP A 68 -3.41 -16.27 -7.28
C ASP A 68 -2.61 -14.98 -6.97
N GLU A 69 -2.36 -14.72 -5.67
CA GLU A 69 -1.57 -13.58 -5.21
C GLU A 69 -0.12 -13.73 -5.70
N ALA A 70 0.43 -14.96 -5.60
CA ALA A 70 1.77 -15.25 -6.06
C ALA A 70 1.90 -15.06 -7.58
N TYR A 71 0.90 -15.50 -8.36
CA TYR A 71 0.90 -15.35 -9.82
C TYR A 71 0.94 -13.87 -10.22
N VAL A 72 0.10 -13.03 -9.60
CA VAL A 72 0.07 -11.59 -9.90
C VAL A 72 1.45 -10.96 -9.62
N MET A 73 2.01 -11.28 -8.44
CA MET A 73 3.29 -10.75 -8.03
C MET A 73 4.42 -11.19 -8.95
N ALA A 74 4.41 -12.45 -9.39
CA ALA A 74 5.44 -12.96 -10.30
C ALA A 74 5.29 -12.38 -11.71
N SER A 75 4.04 -12.16 -12.16
CA SER A 75 3.76 -11.58 -13.48
C SER A 75 4.35 -10.17 -13.62
N VAL A 76 4.35 -9.39 -12.52
CA VAL A 76 4.88 -8.02 -12.50
C VAL A 76 6.31 -7.91 -11.91
N ASP A 77 7.07 -9.01 -11.78
CA ASP A 77 8.43 -8.98 -11.18
C ASP A 77 9.49 -8.35 -12.11
N ASN A 78 9.47 -8.59 -13.42
CA ASN A 78 10.43 -8.01 -14.37
C ASN A 78 9.73 -6.87 -15.14
N PRO A 79 10.19 -5.59 -15.12
CA PRO A 79 11.40 -5.04 -14.47
C PRO A 79 11.30 -4.81 -12.96
N GLY A 80 10.08 -4.65 -12.46
CA GLY A 80 9.78 -4.37 -11.07
C GLY A 80 9.91 -2.89 -10.76
N ASN A 81 9.73 -2.54 -9.50
CA ASN A 81 9.80 -1.15 -9.07
C ASN A 81 10.35 -1.10 -7.63
N PRO A 82 11.21 -0.13 -7.24
CA PRO A 82 11.66 -0.10 -5.84
C PRO A 82 10.53 0.02 -4.82
N HIS A 83 9.35 0.54 -5.22
CA HIS A 83 8.21 0.77 -4.32
C HIS A 83 7.08 -0.25 -4.48
N VAL A 84 7.38 -1.45 -4.99
CA VAL A 84 6.41 -2.54 -5.12
C VAL A 84 7.09 -3.77 -4.53
N CYS A 85 6.43 -4.45 -3.57
CA CYS A 85 6.98 -5.65 -2.93
C CYS A 85 7.24 -6.73 -3.97
N ARG A 86 8.41 -7.39 -3.88
CA ARG A 86 8.81 -8.43 -4.82
C ARG A 86 8.68 -9.78 -4.17
N LEU A 87 8.07 -10.74 -4.87
CA LEU A 87 7.95 -12.09 -4.37
C LEU A 87 9.27 -12.82 -4.60
N LEU A 88 9.94 -13.27 -3.52
CA LEU A 88 11.18 -14.02 -3.67
C LEU A 88 10.83 -15.43 -4.16
N GLY A 89 9.82 -16.05 -3.54
CA GLY A 89 9.35 -17.36 -3.90
C GLY A 89 8.24 -17.86 -2.98
N ILE A 90 7.87 -19.13 -3.12
CA ILE A 90 6.84 -19.76 -2.28
C ILE A 90 7.42 -21.00 -1.59
N CYS A 91 6.79 -21.39 -0.48
CA CYS A 91 7.22 -22.55 0.29
C CYS A 91 6.01 -23.45 0.56
N LEU A 92 6.18 -24.77 0.43
CA LEU A 92 5.09 -25.73 0.62
C LEU A 92 5.30 -26.54 1.90
N THR A 93 4.80 -26.00 3.04
CA THR A 93 4.90 -26.60 4.38
C THR A 93 3.53 -27.35 4.58
N SER A 94 2.72 -27.09 5.63
CA SER A 94 1.38 -27.68 5.74
C SER A 94 0.40 -26.88 4.83
N THR A 95 0.66 -25.56 4.65
CA THR A 95 -0.08 -24.63 3.78
C THR A 95 0.90 -24.04 2.74
N VAL A 96 0.40 -23.27 1.74
CA VAL A 96 1.24 -22.61 0.75
C VAL A 96 1.62 -21.25 1.36
N GLN A 97 2.91 -20.93 1.42
CA GLN A 97 3.38 -19.68 2.01
C GLN A 97 4.06 -18.78 0.99
N LEU A 98 3.92 -17.45 1.14
CA LEU A 98 4.60 -16.47 0.27
C LEU A 98 5.83 -15.96 1.00
N ILE A 99 6.90 -15.71 0.27
CA ILE A 99 8.17 -15.25 0.83
C ILE A 99 8.56 -13.94 0.13
N THR A 100 8.95 -12.92 0.90
CA THR A 100 9.43 -11.64 0.37
C THR A 100 10.56 -11.10 1.28
N GLN A 101 11.29 -10.07 0.82
CA GLN A 101 12.33 -9.46 1.63
C GLN A 101 11.63 -8.76 2.82
N LEU A 102 12.11 -8.99 4.04
CA LEU A 102 11.50 -8.42 5.22
C LEU A 102 11.66 -6.91 5.21
N MET A 103 10.58 -6.19 5.49
CA MET A 103 10.56 -4.74 5.59
C MET A 103 10.69 -4.51 7.10
N PRO A 104 11.90 -4.21 7.63
CA PRO A 104 12.08 -4.18 9.10
C PRO A 104 11.20 -3.23 9.91
N PHE A 105 10.86 -2.07 9.35
CA PHE A 105 10.04 -1.09 10.07
C PHE A 105 8.52 -1.42 10.02
N GLY A 106 8.13 -2.56 9.44
CA GLY A 106 6.75 -3.00 9.44
C GLY A 106 5.80 -2.32 8.48
N CYS A 107 4.55 -2.20 8.90
CA CYS A 107 3.47 -1.59 8.14
C CYS A 107 3.48 -0.09 8.32
N LEU A 108 3.29 0.66 7.22
CA LEU A 108 3.26 2.12 7.26
C LEU A 108 2.09 2.66 8.08
N LEU A 109 0.94 1.96 8.14
CA LEU A 109 -0.17 2.43 8.98
C LEU A 109 0.25 2.45 10.46
N ASP A 110 0.86 1.36 10.95
CA ASP A 110 1.35 1.30 12.33
C ASP A 110 2.55 2.24 12.53
N TYR A 111 3.38 2.44 11.50
CA TYR A 111 4.53 3.33 11.57
C TYR A 111 4.08 4.78 11.77
N VAL A 112 3.08 5.24 10.98
CA VAL A 112 2.61 6.63 11.12
C VAL A 112 1.95 6.86 12.48
N ARG A 113 1.33 5.82 13.08
CA ARG A 113 0.67 5.95 14.38
C ARG A 113 1.70 5.97 15.52
N GLU A 114 2.75 5.14 15.44
CA GLU A 114 3.76 5.08 16.48
C GLU A 114 4.73 6.27 16.41
N HIS A 115 5.27 6.59 15.22
CA HIS A 115 6.24 7.67 15.08
C HIS A 115 5.65 9.05 14.67
N LYS A 116 4.41 9.35 15.03
N LYS A 116 4.39 9.37 15.05
CA LYS A 116 3.75 10.61 14.69
CA LYS A 116 3.75 10.67 14.68
C LYS A 116 4.58 11.86 15.12
C LYS A 116 4.59 11.87 15.11
N ASP A 117 5.07 11.88 16.38
CA ASP A 117 5.82 13.02 16.91
C ASP A 117 7.24 13.21 16.31
N ASN A 118 7.61 12.45 15.27
CA ASN A 118 8.90 12.59 14.59
C ASN A 118 8.79 12.44 13.06
N ILE A 119 7.56 12.42 12.47
CA ILE A 119 7.38 12.34 11.02
C ILE A 119 7.18 13.76 10.49
N GLY A 120 8.11 14.22 9.67
CA GLY A 120 8.05 15.54 9.07
C GLY A 120 7.32 15.56 7.73
N SER A 121 7.15 16.76 7.20
CA SER A 121 6.49 17.01 5.91
C SER A 121 7.21 16.36 4.74
N GLN A 122 8.55 16.34 4.78
CA GLN A 122 9.37 15.74 3.73
C GLN A 122 9.04 14.25 3.59
N TYR A 123 8.94 13.55 4.72
CA TYR A 123 8.61 12.12 4.73
C TYR A 123 7.20 11.84 4.18
N LEU A 124 6.19 12.59 4.63
CA LEU A 124 4.81 12.38 4.19
C LEU A 124 4.65 12.60 2.69
N LEU A 125 5.28 13.66 2.15
CA LEU A 125 5.17 13.95 0.73
C LEU A 125 5.99 12.96 -0.10
N ASN A 126 7.16 12.52 0.40
CA ASN A 126 7.97 11.52 -0.30
C ASN A 126 7.23 10.17 -0.33
N TRP A 127 6.58 9.76 0.76
CA TRP A 127 5.79 8.52 0.78
C TRP A 127 4.67 8.58 -0.26
N CYS A 128 3.99 9.73 -0.38
CA CYS A 128 2.96 9.91 -1.41
C CYS A 128 3.57 9.72 -2.82
N VAL A 129 4.77 10.30 -3.08
CA VAL A 129 5.50 10.17 -4.35
C VAL A 129 5.78 8.68 -4.63
N GLN A 130 6.33 7.97 -3.64
CA GLN A 130 6.75 6.59 -3.74
C GLN A 130 5.58 5.63 -3.95
N ILE A 131 4.43 5.90 -3.33
CA ILE A 131 3.24 5.06 -3.53
C ILE A 131 2.72 5.36 -4.94
N ALA A 132 2.69 6.64 -5.38
CA ALA A 132 2.24 6.98 -6.72
C ALA A 132 3.17 6.37 -7.79
N LYS A 133 4.50 6.20 -7.49
CA LYS A 133 5.47 5.60 -8.41
C LYS A 133 5.21 4.11 -8.59
N GLY A 134 4.97 3.42 -7.48
CA GLY A 134 4.67 2.00 -7.52
C GLY A 134 3.34 1.73 -8.19
N MET A 135 2.34 2.59 -7.96
CA MET A 135 1.04 2.47 -8.60
C MET A 135 1.09 2.77 -10.08
N ASN A 136 1.95 3.73 -10.49
CA ASN A 136 2.12 4.02 -11.91
C ASN A 136 2.74 2.80 -12.61
N TYR A 137 3.72 2.14 -11.95
CA TYR A 137 4.33 0.91 -12.47
C TYR A 137 3.27 -0.18 -12.63
N LEU A 138 2.39 -0.36 -11.63
CA LEU A 138 1.33 -1.37 -11.68
C LEU A 138 0.32 -1.04 -12.79
N GLU A 139 0.02 0.25 -13.01
CA GLU A 139 -0.88 0.65 -14.08
C GLU A 139 -0.26 0.30 -15.44
N ASP A 140 1.06 0.52 -15.62
CA ASP A 140 1.76 0.17 -16.88
C ASP A 140 1.69 -1.33 -17.17
N ARG A 141 1.68 -2.18 -16.12
CA ARG A 141 1.57 -3.64 -16.28
C ARG A 141 0.08 -4.10 -16.30
N ARG A 142 -0.87 -3.18 -16.57
CA ARG A 142 -2.31 -3.44 -16.63
C ARG A 142 -2.83 -4.13 -15.36
N LEU A 143 -2.30 -3.76 -14.20
CA LEU A 143 -2.67 -4.39 -12.94
C LEU A 143 -3.49 -3.43 -12.07
N VAL A 144 -4.70 -3.85 -11.66
CA VAL A 144 -5.57 -3.07 -10.79
C VAL A 144 -5.37 -3.70 -9.41
N HIS A 145 -4.76 -2.95 -8.49
CA HIS A 145 -4.45 -3.44 -7.14
C HIS A 145 -5.71 -3.77 -6.32
N ARG A 146 -6.77 -2.92 -6.37
CA ARG A 146 -8.05 -3.09 -5.67
C ARG A 146 -7.98 -3.07 -4.12
N ASP A 147 -6.78 -3.03 -3.51
CA ASP A 147 -6.68 -2.99 -2.05
C ASP A 147 -5.63 -1.99 -1.54
N LEU A 148 -5.47 -0.85 -2.24
CA LEU A 148 -4.50 0.14 -1.79
C LEU A 148 -5.01 0.86 -0.53
N ALA A 149 -4.22 0.79 0.55
CA ALA A 149 -4.52 1.40 1.85
C ALA A 149 -3.21 1.46 2.68
N ALA A 150 -3.17 2.28 3.75
CA ALA A 150 -1.94 2.39 4.54
C ALA A 150 -1.52 1.05 5.14
N ARG A 151 -2.51 0.16 5.47
CA ARG A 151 -2.26 -1.19 5.96
C ARG A 151 -1.49 -2.08 4.95
N ASN A 152 -1.56 -1.76 3.63
CA ASN A 152 -0.87 -2.50 2.57
C ASN A 152 0.28 -1.69 1.93
N VAL A 153 0.96 -0.87 2.73
CA VAL A 153 2.15 -0.11 2.33
C VAL A 153 3.14 -0.40 3.46
N LEU A 154 4.34 -0.89 3.13
CA LEU A 154 5.36 -1.28 4.10
C LEU A 154 6.54 -0.33 4.12
N VAL A 155 7.30 -0.34 5.22
CA VAL A 155 8.42 0.57 5.45
C VAL A 155 9.74 -0.23 5.45
N LYS A 156 10.51 -0.15 4.34
CA LYS A 156 11.81 -0.81 4.24
C LYS A 156 12.79 -0.05 5.13
N THR A 157 12.83 1.28 4.95
CA THR A 157 13.57 2.24 5.75
C THR A 157 12.58 3.43 5.97
N PRO A 158 12.71 4.29 7.00
CA PRO A 158 11.77 5.43 7.11
C PRO A 158 11.59 6.26 5.83
N GLN A 159 12.63 6.32 4.96
CA GLN A 159 12.60 7.06 3.69
C GLN A 159 12.18 6.22 2.46
N HIS A 160 11.89 4.91 2.60
CA HIS A 160 11.55 4.07 1.45
C HIS A 160 10.36 3.15 1.79
N VAL A 161 9.24 3.31 1.04
CA VAL A 161 8.02 2.53 1.23
C VAL A 161 7.68 1.66 0.01
N LYS A 162 6.98 0.54 0.22
CA LYS A 162 6.62 -0.39 -0.85
C LYS A 162 5.16 -0.85 -0.74
N ILE A 163 4.45 -0.92 -1.86
CA ILE A 163 3.06 -1.40 -1.91
C ILE A 163 3.10 -2.91 -1.81
N THR A 164 2.24 -3.49 -0.98
CA THR A 164 2.17 -4.94 -0.77
C THR A 164 0.70 -5.48 -0.95
N ASP A 165 0.49 -6.80 -0.73
CA ASP A 165 -0.80 -7.46 -0.73
C ASP A 165 -1.47 -7.42 -2.08
N PHE A 166 -1.34 -8.50 -2.85
CA PHE A 166 -1.97 -8.64 -4.15
C PHE A 166 -3.03 -9.76 -4.09
N GLY A 167 -3.80 -9.80 -3.00
CA GLY A 167 -4.84 -10.78 -2.78
C GLY A 167 -6.08 -10.48 -3.60
N LEU A 168 -6.42 -9.20 -3.73
CA LEU A 168 -7.55 -8.73 -4.55
C LEU A 168 -7.09 -8.12 -5.89
N ALA A 169 -5.78 -8.11 -6.19
CA ALA A 169 -5.28 -7.53 -7.43
C ALA A 169 -5.61 -8.40 -8.66
N LYS A 170 -5.93 -7.76 -9.79
CA LYS A 170 -6.30 -8.47 -11.01
C LYS A 170 -5.62 -7.89 -12.24
N LEU A 171 -5.06 -8.76 -13.09
CA LEU A 171 -4.44 -8.34 -14.33
C LEU A 171 -5.57 -8.16 -15.34
N LEU A 172 -5.62 -7.03 -16.04
CA LEU A 172 -6.65 -6.79 -17.04
C LEU A 172 -6.21 -7.40 -18.36
N GLY A 173 -7.16 -7.93 -19.11
CA GLY A 173 -6.89 -8.49 -20.42
C GLY A 173 -6.47 -7.40 -21.41
N ALA A 174 -5.83 -7.80 -22.52
CA ALA A 174 -5.35 -6.85 -23.54
C ALA A 174 -6.43 -5.89 -24.03
N GLU A 175 -7.67 -6.38 -24.25
CA GLU A 175 -8.79 -5.56 -24.74
C GLU A 175 -9.59 -4.92 -23.60
N GLU A 176 -9.60 -5.56 -22.41
CA GLU A 176 -10.36 -5.08 -21.24
C GLU A 176 -9.82 -3.82 -20.58
N LYS A 177 -10.73 -2.87 -20.26
CA LYS A 177 -10.40 -1.62 -19.54
C LYS A 177 -10.90 -1.64 -18.08
N GLU A 178 -11.61 -2.70 -17.63
CA GLU A 178 -12.15 -2.76 -16.29
C GLU A 178 -12.39 -4.20 -15.81
N TYR A 179 -12.40 -4.40 -14.48
CA TYR A 179 -12.63 -5.71 -13.87
C TYR A 179 -13.98 -5.70 -13.15
N HIS A 180 -14.84 -6.67 -13.45
CA HIS A 180 -16.15 -6.82 -12.82
C HIS A 180 -16.01 -7.92 -11.76
N ALA A 181 -16.06 -7.54 -10.49
CA ALA A 181 -15.87 -8.45 -9.36
C ALA A 181 -17.11 -9.28 -8.97
N GLU A 182 -16.88 -10.40 -8.26
CA GLU A 182 -17.93 -11.28 -7.70
C GLU A 182 -18.34 -10.71 -6.30
N GLY A 183 -19.28 -11.36 -5.61
CA GLY A 183 -19.74 -10.91 -4.31
C GLY A 183 -18.79 -11.13 -3.13
N GLY A 184 -17.50 -11.27 -3.37
CA GLY A 184 -16.51 -11.45 -2.31
C GLY A 184 -16.29 -10.19 -1.51
N LYS A 185 -15.79 -10.32 -0.27
CA LYS A 185 -15.55 -9.18 0.63
C LYS A 185 -14.52 -8.19 0.06
N VAL A 186 -14.81 -6.89 0.17
CA VAL A 186 -13.96 -5.80 -0.35
C VAL A 186 -13.95 -4.57 0.62
N PRO A 187 -12.88 -3.73 0.62
CA PRO A 187 -12.83 -2.60 1.57
C PRO A 187 -13.59 -1.34 1.14
N ILE A 188 -14.89 -1.25 1.51
CA ILE A 188 -15.79 -0.15 1.13
C ILE A 188 -15.23 1.26 1.40
N LYS A 189 -14.74 1.52 2.61
CA LYS A 189 -14.23 2.86 2.99
C LYS A 189 -12.98 3.34 2.20
N TRP A 190 -12.32 2.44 1.46
CA TRP A 190 -11.19 2.78 0.59
C TRP A 190 -11.60 2.76 -0.91
N MET A 191 -12.73 2.12 -1.25
CA MET A 191 -13.22 1.96 -2.62
C MET A 191 -13.87 3.17 -3.25
N ALA A 192 -13.78 3.26 -4.58
CA ALA A 192 -14.45 4.28 -5.36
C ALA A 192 -15.97 4.00 -5.38
N LEU A 193 -16.78 5.04 -5.61
CA LEU A 193 -18.23 4.88 -5.64
C LEU A 193 -18.72 3.87 -6.69
N GLU A 194 -18.14 3.85 -7.91
CA GLU A 194 -18.57 2.86 -8.93
C GLU A 194 -18.24 1.43 -8.53
N SER A 195 -17.19 1.22 -7.71
CA SER A 195 -16.87 -0.12 -7.20
C SER A 195 -17.89 -0.55 -6.14
N ILE A 196 -18.45 0.40 -5.37
CA ILE A 196 -19.44 0.07 -4.33
C ILE A 196 -20.80 -0.26 -5.00
N LEU A 197 -21.24 0.58 -5.95
CA LEU A 197 -22.55 0.40 -6.58
C LEU A 197 -22.57 -0.68 -7.67
N HIS A 198 -21.61 -0.63 -8.61
CA HIS A 198 -21.56 -1.51 -9.78
C HIS A 198 -20.42 -2.55 -9.76
N ARG A 199 -19.63 -2.64 -8.67
CA ARG A 199 -18.51 -3.59 -8.55
C ARG A 199 -17.48 -3.49 -9.69
N ILE A 200 -17.26 -2.28 -10.23
CA ILE A 200 -16.36 -2.02 -11.34
C ILE A 200 -15.04 -1.49 -10.78
N TYR A 201 -13.90 -2.13 -11.14
CA TYR A 201 -12.58 -1.75 -10.67
C TYR A 201 -11.67 -1.44 -11.84
N THR A 202 -11.08 -0.24 -11.84
CA THR A 202 -10.19 0.26 -12.87
C THR A 202 -8.96 0.92 -12.19
N HIS A 203 -7.96 1.34 -12.97
CA HIS A 203 -6.81 2.07 -12.41
C HIS A 203 -7.28 3.38 -11.75
N GLN A 204 -8.38 3.99 -12.25
CA GLN A 204 -8.93 5.21 -11.68
C GLN A 204 -9.66 4.94 -10.37
N SER A 205 -10.22 3.73 -10.16
CA SER A 205 -10.78 3.38 -8.86
C SER A 205 -9.60 3.28 -7.84
N ASP A 206 -8.44 2.74 -8.27
CA ASP A 206 -7.22 2.72 -7.45
C ASP A 206 -6.76 4.12 -7.07
N VAL A 207 -6.99 5.13 -7.93
CA VAL A 207 -6.65 6.51 -7.64
C VAL A 207 -7.48 7.01 -6.45
N TRP A 208 -8.76 6.58 -6.35
CA TRP A 208 -9.63 6.89 -5.23
C TRP A 208 -9.01 6.33 -3.95
N SER A 209 -8.64 5.03 -3.97
CA SER A 209 -8.01 4.37 -2.83
C SER A 209 -6.67 4.98 -2.47
N TYR A 210 -5.93 5.49 -3.46
CA TYR A 210 -4.66 6.18 -3.24
C TYR A 210 -4.92 7.44 -2.41
N GLY A 211 -5.96 8.19 -2.77
CA GLY A 211 -6.37 9.39 -2.00
C GLY A 211 -6.74 9.09 -0.56
N VAL A 212 -7.41 7.94 -0.31
CA VAL A 212 -7.78 7.55 1.06
C VAL A 212 -6.49 7.19 1.82
N THR A 213 -5.57 6.46 1.17
CA THR A 213 -4.25 6.14 1.75
C THR A 213 -3.49 7.42 2.13
N VAL A 214 -3.53 8.45 1.26
CA VAL A 214 -2.86 9.72 1.54
C VAL A 214 -3.53 10.36 2.76
N TRP A 215 -4.87 10.37 2.81
CA TRP A 215 -5.61 10.91 3.94
C TRP A 215 -5.21 10.21 5.26
N GLU A 216 -5.01 8.89 5.22
CA GLU A 216 -4.56 8.14 6.39
C GLU A 216 -3.17 8.61 6.82
N LEU A 217 -2.25 8.83 5.87
CA LEU A 217 -0.91 9.29 6.21
C LEU A 217 -0.96 10.70 6.81
N MET A 218 -1.69 11.60 6.17
CA MET A 218 -1.77 13.01 6.60
C MET A 218 -2.43 13.17 7.98
N THR A 219 -3.34 12.26 8.35
CA THR A 219 -3.96 12.29 9.69
C THR A 219 -3.16 11.45 10.71
N PHE A 220 -2.00 10.88 10.32
CA PHE A 220 -1.17 10.04 11.17
C PHE A 220 -1.92 8.79 11.64
N GLY A 221 -2.57 8.13 10.68
CA GLY A 221 -3.24 6.85 10.88
C GLY A 221 -4.66 6.87 11.40
N SER A 222 -5.45 7.93 11.13
CA SER A 222 -6.84 7.95 11.56
C SER A 222 -7.67 7.00 10.71
N LYS A 223 -8.75 6.46 11.30
CA LYS A 223 -9.63 5.53 10.59
C LYS A 223 -10.55 6.33 9.67
N PRO A 224 -10.66 6.04 8.35
CA PRO A 224 -11.58 6.82 7.52
C PRO A 224 -13.05 6.54 7.88
N TYR A 225 -13.89 7.59 7.90
CA TYR A 225 -15.32 7.51 8.23
C TYR A 225 -15.51 6.76 9.56
N ASP A 226 -14.79 7.20 10.59
CA ASP A 226 -14.78 6.52 11.89
C ASP A 226 -16.16 6.55 12.56
N GLY A 227 -16.63 5.38 12.97
CA GLY A 227 -17.94 5.26 13.60
C GLY A 227 -19.10 5.20 12.62
N ILE A 228 -18.86 5.48 11.34
CA ILE A 228 -19.90 5.45 10.30
C ILE A 228 -19.98 4.01 9.77
N PRO A 229 -21.19 3.39 9.60
CA PRO A 229 -21.22 2.02 9.04
C PRO A 229 -20.92 2.02 7.54
N ALA A 230 -20.34 0.93 7.03
CA ALA A 230 -19.95 0.87 5.61
C ALA A 230 -21.14 0.93 4.65
N SER A 231 -22.31 0.46 5.11
CA SER A 231 -23.53 0.47 4.31
C SER A 231 -24.07 1.89 4.04
N GLU A 232 -23.51 2.93 4.69
CA GLU A 232 -23.91 4.33 4.49
C GLU A 232 -22.95 5.09 3.57
N ILE A 233 -21.80 4.50 3.18
CA ILE A 233 -20.77 5.22 2.44
C ILE A 233 -21.25 5.65 1.05
N SER A 234 -21.94 4.76 0.30
CA SER A 234 -22.44 5.13 -1.05
C SER A 234 -23.33 6.38 -1.00
N SER A 235 -24.20 6.45 0.02
CA SER A 235 -25.12 7.57 0.27
C SER A 235 -24.34 8.84 0.63
N ILE A 236 -23.36 8.73 1.54
CA ILE A 236 -22.49 9.85 1.95
C ILE A 236 -21.76 10.43 0.73
N LEU A 237 -21.21 9.55 -0.10
CA LEU A 237 -20.47 9.97 -1.30
C LEU A 237 -21.39 10.58 -2.36
N GLU A 238 -22.61 10.04 -2.54
CA GLU A 238 -23.56 10.60 -3.51
C GLU A 238 -24.07 11.98 -3.07
N LYS A 239 -24.10 12.27 -1.74
CA LYS A 239 -24.48 13.59 -1.23
C LYS A 239 -23.35 14.65 -1.43
N GLY A 240 -22.20 14.27 -2.03
CA GLY A 240 -21.09 15.18 -2.21
C GLY A 240 -20.20 15.34 -0.98
N GLU A 241 -20.38 14.47 0.06
CA GLU A 241 -19.58 14.54 1.27
C GLU A 241 -18.30 13.73 1.13
N ARG A 242 -17.21 14.16 1.79
CA ARG A 242 -15.92 13.47 1.69
C ARG A 242 -15.12 13.51 3.00
N LEU A 243 -13.96 12.79 3.06
CA LEU A 243 -13.12 12.76 4.26
C LEU A 243 -12.64 14.18 4.58
N PRO A 244 -12.55 14.57 5.87
CA PRO A 244 -12.24 15.97 6.18
C PRO A 244 -10.81 16.40 5.89
N GLN A 245 -10.57 17.72 5.90
CA GLN A 245 -9.23 18.27 5.67
C GLN A 245 -8.34 17.96 6.86
N PRO A 246 -7.27 17.14 6.73
CA PRO A 246 -6.40 16.89 7.91
C PRO A 246 -5.76 18.20 8.40
N PRO A 247 -5.67 18.47 9.73
CA PRO A 247 -5.11 19.78 10.17
C PRO A 247 -3.75 20.20 9.62
N ILE A 248 -2.88 19.26 9.23
CA ILE A 248 -1.55 19.60 8.69
C ILE A 248 -1.59 19.98 7.19
N CYS A 249 -2.63 19.56 6.46
CA CYS A 249 -2.74 19.80 5.03
C CYS A 249 -3.05 21.23 4.67
N THR A 250 -2.25 21.82 3.76
CA THR A 250 -2.62 23.11 3.18
C THR A 250 -3.68 22.76 2.10
N ILE A 251 -4.36 23.78 1.55
CA ILE A 251 -5.42 23.56 0.58
C ILE A 251 -4.98 22.77 -0.68
N ASP A 252 -3.73 22.93 -1.14
CA ASP A 252 -3.24 22.25 -2.33
C ASP A 252 -3.14 20.74 -2.12
N VAL A 253 -2.75 20.30 -0.92
CA VAL A 253 -2.64 18.86 -0.63
C VAL A 253 -4.04 18.24 -0.53
N TYR A 254 -4.98 18.94 0.10
CA TYR A 254 -6.34 18.43 0.24
C TYR A 254 -7.09 18.40 -1.09
N MET A 255 -6.84 19.38 -1.97
CA MET A 255 -7.46 19.37 -3.30
C MET A 255 -7.00 18.17 -4.15
N ILE A 256 -5.81 17.61 -3.86
CA ILE A 256 -5.34 16.42 -4.57
C ILE A 256 -6.20 15.25 -4.12
N MET A 257 -6.40 15.08 -2.78
CA MET A 257 -7.24 14.02 -2.25
C MET A 257 -8.66 14.15 -2.80
N ARG A 258 -9.20 15.38 -2.85
N ARG A 258 -9.20 15.38 -2.83
CA ARG A 258 -10.56 15.60 -3.33
CA ARG A 258 -10.56 15.59 -3.35
C ARG A 258 -10.71 15.37 -4.83
C ARG A 258 -10.68 15.28 -4.82
N LYS A 259 -9.65 15.59 -5.63
CA LYS A 259 -9.69 15.28 -7.06
C LYS A 259 -9.66 13.73 -7.23
N CYS A 260 -8.97 12.98 -6.34
CA CYS A 260 -8.96 11.52 -6.35
C CYS A 260 -10.34 10.92 -6.08
N TRP A 261 -11.20 11.64 -5.33
CA TRP A 261 -12.53 11.16 -4.98
C TRP A 261 -13.63 11.86 -5.80
N MET A 262 -13.38 12.13 -7.10
CA MET A 262 -14.41 12.71 -7.96
C MET A 262 -15.32 11.59 -8.46
N ILE A 263 -16.59 11.90 -8.72
CA ILE A 263 -17.58 10.92 -9.21
C ILE A 263 -17.11 10.37 -10.56
N ASP A 264 -16.71 11.26 -11.50
CA ASP A 264 -16.25 10.81 -12.81
C ASP A 264 -14.86 10.24 -12.67
N ALA A 265 -14.71 8.92 -12.84
CA ALA A 265 -13.43 8.22 -12.74
C ALA A 265 -12.32 8.82 -13.61
N ASP A 266 -12.63 9.21 -14.86
CA ASP A 266 -11.64 9.79 -15.76
C ASP A 266 -11.15 11.17 -15.32
N SER A 267 -11.98 11.94 -14.58
CA SER A 267 -11.58 13.26 -14.09
C SER A 267 -10.59 13.19 -12.90
N ARG A 268 -10.42 12.02 -12.28
CA ARG A 268 -9.48 11.86 -11.16
C ARG A 268 -8.05 12.00 -11.65
N PRO A 269 -7.06 12.41 -10.80
CA PRO A 269 -5.69 12.50 -11.32
C PRO A 269 -5.16 11.13 -11.72
N LYS A 270 -4.18 11.10 -12.61
CA LYS A 270 -3.55 9.85 -13.03
C LYS A 270 -2.34 9.64 -12.10
N PHE A 271 -1.88 8.39 -11.91
CA PHE A 271 -0.69 8.15 -11.09
C PHE A 271 0.54 8.90 -11.61
N ARG A 272 0.66 9.08 -12.94
CA ARG A 272 1.76 9.86 -13.49
C ARG A 272 1.72 11.33 -13.01
N GLU A 273 0.50 11.93 -12.96
CA GLU A 273 0.30 13.31 -12.51
C GLU A 273 0.52 13.46 -11.00
N LEU A 274 0.17 12.40 -10.21
CA LEU A 274 0.35 12.43 -8.75
C LEU A 274 1.82 12.35 -8.38
N ILE A 275 2.62 11.59 -9.15
CA ILE A 275 4.09 11.55 -8.96
C ILE A 275 4.64 13.00 -9.08
N ILE A 276 4.24 13.71 -10.15
CA ILE A 276 4.68 15.07 -10.45
C ILE A 276 4.23 16.09 -9.39
N GLU A 277 2.93 16.11 -9.09
CA GLU A 277 2.38 17.06 -8.13
C GLU A 277 3.00 16.87 -6.75
N PHE A 278 3.07 15.63 -6.24
CA PHE A 278 3.67 15.39 -4.91
C PHE A 278 5.18 15.59 -4.92
N SER A 279 5.86 15.37 -6.06
CA SER A 279 7.29 15.63 -6.14
C SER A 279 7.53 17.14 -6.09
N LYS A 280 6.69 17.93 -6.77
CA LYS A 280 6.76 19.39 -6.71
C LYS A 280 6.59 19.86 -5.25
N MET A 281 5.67 19.22 -4.50
CA MET A 281 5.43 19.54 -3.10
C MET A 281 6.61 19.15 -2.22
N ALA A 282 7.24 18.00 -2.48
CA ALA A 282 8.40 17.54 -1.71
C ALA A 282 9.65 18.43 -1.90
N ARG A 283 9.70 19.29 -2.94
CA ARG A 283 10.83 20.21 -3.13
C ARG A 283 10.75 21.39 -2.14
N ASP A 284 9.55 21.78 -1.70
CA ASP A 284 9.34 22.83 -0.69
C ASP A 284 8.30 22.24 0.26
N PRO A 285 8.67 21.23 1.09
CA PRO A 285 7.65 20.53 1.89
C PRO A 285 6.96 21.34 2.98
N GLN A 286 7.61 22.37 3.53
CA GLN A 286 7.01 23.18 4.59
C GLN A 286 6.01 24.22 4.06
N ARG A 287 5.98 24.45 2.74
CA ARG A 287 4.96 25.29 2.12
C ARG A 287 3.63 24.50 2.09
N TYR A 288 3.69 23.21 1.76
CA TYR A 288 2.51 22.38 1.56
C TYR A 288 1.97 21.64 2.80
N LEU A 289 2.77 21.45 3.86
CA LEU A 289 2.26 20.82 5.09
C LEU A 289 2.76 21.61 6.29
N VAL A 290 1.85 22.05 7.16
CA VAL A 290 2.18 22.83 8.35
C VAL A 290 2.24 21.87 9.55
N ILE A 291 3.46 21.47 9.95
CA ILE A 291 3.68 20.56 11.08
C ILE A 291 4.50 21.30 12.17
N GLN A 292 4.03 21.24 13.43
CA GLN A 292 4.69 21.89 14.55
C GLN A 292 6.01 21.19 14.85
N GLY A 293 7.10 21.96 14.90
CA GLY A 293 8.43 21.42 15.16
C GLY A 293 8.97 20.58 14.03
N ASP A 294 8.63 20.93 12.78
CA ASP A 294 9.04 20.17 11.59
C ASP A 294 10.55 20.23 11.32
N GLU A 295 11.20 21.38 11.54
CA GLU A 295 12.65 21.51 11.32
C GLU A 295 13.51 20.71 12.32
N ARG A 296 12.90 20.25 13.43
CA ARG A 296 13.61 19.50 14.48
C ARG A 296 13.02 18.09 14.68
N MET A 297 12.77 17.38 13.57
CA MET A 297 12.24 16.01 13.56
C MET A 297 13.22 15.14 12.78
N HIS A 298 13.51 13.93 13.29
CA HIS A 298 14.47 13.04 12.65
C HIS A 298 14.03 11.58 12.74
N LEU A 299 14.31 10.79 11.69
CA LEU A 299 14.02 9.36 11.63
C LEU A 299 15.29 8.63 11.10
N PRO A 300 15.65 7.42 11.57
CA PRO A 300 16.90 6.78 11.07
C PRO A 300 16.98 6.62 9.56
N SER A 301 18.20 6.76 8.98
CA SER A 301 18.41 6.65 7.54
C SER A 301 19.60 5.72 7.24
N PRO A 302 19.62 4.90 6.15
CA PRO A 302 20.83 4.09 5.89
C PRO A 302 22.11 4.91 5.70
N THR A 303 22.00 6.24 5.49
CA THR A 303 23.16 7.13 5.35
C THR A 303 23.82 7.34 6.73
N ASP A 304 23.00 7.42 7.81
CA ASP A 304 23.48 7.60 9.19
C ASP A 304 24.34 6.42 9.62
N SER A 305 25.34 6.68 10.46
CA SER A 305 26.22 5.62 10.96
C SER A 305 25.51 4.72 12.00
N ASN A 306 24.41 5.18 12.64
CA ASN A 306 23.66 4.40 13.61
C ASN A 306 22.40 3.72 13.01
N PHE A 307 22.36 3.46 11.67
CA PHE A 307 21.18 2.82 11.08
C PHE A 307 21.08 1.34 11.48
N TYR A 308 22.21 0.65 11.68
CA TYR A 308 22.21 -0.75 12.12
C TYR A 308 21.53 -0.92 13.50
N ARG A 309 21.48 0.15 14.32
CA ARG A 309 20.84 0.11 15.64
C ARG A 309 19.33 0.01 15.44
N ALA A 310 18.77 0.79 14.50
CA ALA A 310 17.34 0.76 14.19
C ALA A 310 17.00 -0.49 13.38
N GLU A 325 -13.10 -3.86 8.07
CA GLU A 325 -12.56 -3.08 6.96
C GLU A 325 -13.09 -3.63 5.64
N TYR A 326 -13.14 -4.97 5.50
CA TYR A 326 -13.62 -5.67 4.30
C TYR A 326 -15.02 -6.17 4.57
N LEU A 327 -15.95 -5.93 3.63
CA LEU A 327 -17.36 -6.31 3.80
C LEU A 327 -17.94 -6.91 2.54
N ILE A 328 -19.00 -7.74 2.71
CA ILE A 328 -19.71 -8.35 1.60
C ILE A 328 -20.46 -7.21 0.88
N PRO A 329 -20.34 -7.03 -0.46
CA PRO A 329 -21.05 -5.91 -1.11
C PRO A 329 -22.56 -6.05 -1.12
C A1IMS B . 2.44 -9.88 -0.35
N A1IMS B . 3.46 -8.71 2.74
CL A1IMS B . 4.97 -12.21 -0.74
C2 A1IMS B . 4.71 -11.67 0.90
C3 A1IMS B . 5.16 -12.48 1.92
C4 A1IMS B . 5.02 -12.06 3.22
C5 A1IMS B . 4.43 -10.84 3.53
C6 A1IMS B . 3.98 -10.00 2.50
C1 A1IMS B . 4.13 -10.45 1.15
O A1IMS B . 3.75 -9.63 0.11
C7 A1IMS B . 2.99 -8.21 3.96
C13 A1IMS B . 3.72 -7.85 5.15
N2 A1IMS B . 2.79 -7.33 6.06
C9 A1IMS B . 1.55 -7.34 5.50
C10 A1IMS B . 0.29 -6.97 6.16
C11 A1IMS B . -0.76 -6.58 5.10
N1 A1IMS B . -0.72 -7.43 3.91
C12 A1IMS B . 0.45 -8.02 3.41
O1 A1IMS B . 0.40 -8.59 2.32
C8 A1IMS B . 1.64 -7.86 4.22
C14 A1IMS B . 5.16 -7.80 5.43
C18 A1IMS B . 5.71 -7.57 6.72
C17 A1IMS B . 7.11 -7.40 6.85
N3 A1IMS B . 7.95 -7.42 5.80
C16 A1IMS B . 7.43 -7.65 4.58
C15 A1IMS B . 6.07 -7.86 4.36
O2 A1IMS B . 4.91 -7.46 7.85
C19 A1IMS B . 5.01 -6.19 8.48
C20 A1IMS B . 3.83 -6.05 9.45
O3 A1IMS B . 2.65 -6.01 8.70
C23 A1IMS B . 1.59 -6.45 9.53
C22 A1IMS B . 2.18 -7.36 10.61
C21 A1IMS B . 3.69 -7.24 10.40
#